data_5VAA
#
_entry.id   5VAA
#
_cell.length_a   51.220
_cell.length_b   86.350
_cell.length_c   67.560
_cell.angle_alpha   90.00
_cell.angle_beta   111.58
_cell.angle_gamma   90.00
#
_symmetry.space_group_name_H-M   'P 1 21 1'
#
loop_
_entity.id
_entity.type
_entity.pdbx_description
1 polymer 'Ig gamma-2A chain C region, A allele'
2 branched beta-D-galactopyranose-(1-4)-2-acetamido-2-deoxy-beta-D-glucopyranose-(1-2)-alpha-D-mannopyranose-(1-6)-[2-acetamido-2-deoxy-beta-D-glucopyranose-(1-2)-alpha-D-mannopyranose-(1-3)]beta-D-mannopyranose-(1-4)-2-acetamido-2-deoxy-beta-D-glucopyranose-(1-4)-[alpha-L-fucopyranose-(1-6)]2-acetamido-2-deoxy-beta-D-glucopyranose
3 non-polymer GLYCEROL
4 non-polymer '2-(N-MORPHOLINO)-ETHANESULFONIC ACID'
5 water water
#
_entity_poly.entity_id   1
_entity_poly.type   'polypeptide(L)'
_entity_poly.pdbx_seq_one_letter_code
;GSCPPCKCPAPNLLGGPSVFIFPPKIKDVLMISLSPIVTCVVVDVSEDDPDVQISWFVNNVEVHTAQTQTHREDYNSTLR
VVSALPIQHQDWMSGKEFKCKVNNKDLPAPIERTISKPKGSVRAPQVYVLPPPEEEMTKKQVTLTCMVKDFMPEDIYVEW
TNNGKTELNYKNTEPVLDSDGSYFMYSKLRVEKKNWVERNSYSCSVVHEGLHNHHTTKSFSRTPGK
;
_entity_poly.pdbx_strand_id   A,B
#
loop_
_chem_comp.id
_chem_comp.type
_chem_comp.name
_chem_comp.formula
BMA D-saccharide, beta linking beta-D-mannopyranose 'C6 H12 O6'
FUC L-saccharide, alpha linking alpha-L-fucopyranose 'C6 H12 O5'
GAL D-saccharide, beta linking beta-D-galactopyranose 'C6 H12 O6'
GOL non-polymer GLYCEROL 'C3 H8 O3'
MAN D-saccharide, alpha linking alpha-D-mannopyranose 'C6 H12 O6'
MES non-polymer '2-(N-MORPHOLINO)-ETHANESULFONIC ACID' 'C6 H13 N O4 S'
NAG D-saccharide, beta linking 2-acetamido-2-deoxy-beta-D-glucopyranose 'C8 H15 N O6'
#
# COMPACT_ATOMS: atom_id res chain seq x y z
N GLY A 16 11.08 27.44 5.69
CA GLY A 16 10.28 28.03 4.58
C GLY A 16 9.22 27.10 4.03
N PRO A 17 8.54 27.51 2.94
CA PRO A 17 7.55 26.58 2.36
C PRO A 17 8.19 25.44 1.60
N SER A 18 7.41 24.39 1.39
CA SER A 18 7.79 23.21 0.63
C SER A 18 6.78 23.07 -0.51
N VAL A 19 7.23 22.49 -1.63
CA VAL A 19 6.38 22.37 -2.84
C VAL A 19 6.29 20.90 -3.25
N PHE A 20 5.07 20.44 -3.51
CA PHE A 20 4.78 19.08 -4.02
C PHE A 20 4.05 19.18 -5.37
N ILE A 21 4.35 18.27 -6.29
CA ILE A 21 3.75 18.29 -7.63
C ILE A 21 3.07 16.96 -7.85
N PHE A 22 1.91 16.99 -8.48
CA PHE A 22 1.08 15.83 -8.62
C PHE A 22 0.57 15.66 -10.05
N PRO A 23 0.53 14.43 -10.55
CA PRO A 23 0.12 14.19 -11.91
C PRO A 23 -1.41 14.26 -12.07
N PRO A 24 -1.88 14.26 -13.32
CA PRO A 24 -3.30 14.04 -13.58
C PRO A 24 -3.75 12.64 -13.18
N LYS A 25 -5.04 12.50 -12.90
CA LYS A 25 -5.60 11.18 -12.68
C LYS A 25 -5.57 10.44 -13.99
N ILE A 26 -5.25 9.13 -13.92
CA ILE A 26 -5.13 8.33 -15.11
C ILE A 26 -6.40 8.29 -15.95
N LYS A 27 -7.53 8.15 -15.26
CA LYS A 27 -8.80 8.17 -15.98
C LYS A 27 -9.02 9.48 -16.72
N ASP A 28 -8.66 10.61 -16.08
CA ASP A 28 -8.84 11.92 -16.72
C ASP A 28 -7.99 12.09 -17.98
N VAL A 29 -6.76 11.58 -17.98
CA VAL A 29 -5.87 11.76 -19.10
C VAL A 29 -6.12 10.77 -20.24
N LEU A 30 -6.79 9.63 -19.94
CA LEU A 30 -7.06 8.60 -20.95
C LEU A 30 -8.44 8.73 -21.57
N MET A 31 -9.35 9.47 -20.92
CA MET A 31 -10.70 9.71 -21.43
C MET A 31 -10.78 11.15 -21.93
N ILE A 32 -10.95 11.29 -23.23
CA ILE A 32 -10.92 12.60 -23.88
C ILE A 32 -12.04 13.55 -23.41
N SER A 33 -13.11 13.01 -22.86
CA SER A 33 -14.18 13.84 -22.32
C SER A 33 -13.86 14.47 -20.96
N LEU A 34 -12.78 14.03 -20.28
CA LEU A 34 -12.44 14.56 -18.95
C LEU A 34 -11.32 15.59 -19.02
N SER A 35 -11.06 16.20 -17.87
CA SER A 35 -10.19 17.37 -17.75
C SER A 35 -8.97 17.11 -16.88
N PRO A 36 -7.87 16.62 -17.51
CA PRO A 36 -6.70 16.36 -16.67
C PRO A 36 -6.04 17.64 -16.19
N ILE A 37 -5.51 17.56 -14.98
CA ILE A 37 -4.86 18.68 -14.35
C ILE A 37 -3.56 18.22 -13.75
N VAL A 38 -2.52 19.06 -13.87
CA VAL A 38 -1.29 18.95 -13.10
C VAL A 38 -1.37 19.92 -11.95
N THR A 39 -1.04 19.50 -10.73
CA THR A 39 -1.23 20.32 -9.54
C THR A 39 0.06 20.57 -8.81
N CYS A 40 0.30 21.83 -8.43
N CYS A 40 0.36 21.83 -8.48
CA CYS A 40 1.49 22.27 -7.67
CA CYS A 40 1.38 22.08 -7.50
C CYS A 40 0.98 22.79 -6.31
C CYS A 40 0.74 22.58 -6.25
N VAL A 41 1.36 22.17 -5.18
CA VAL A 41 0.85 22.52 -3.83
C VAL A 41 1.98 23.09 -3.05
N VAL A 42 1.77 24.28 -2.49
CA VAL A 42 2.75 24.92 -1.64
C VAL A 42 2.26 24.81 -0.23
N VAL A 43 3.05 24.19 0.65
CA VAL A 43 2.67 24.05 2.06
C VAL A 43 3.62 24.87 2.92
N ASP A 44 3.20 25.12 4.16
CA ASP A 44 3.97 25.93 5.12
C ASP A 44 4.23 27.34 4.67
N VAL A 45 3.23 27.93 4.05
CA VAL A 45 3.26 29.31 3.72
C VAL A 45 2.87 30.11 5.02
N SER A 46 3.62 31.17 5.30
CA SER A 46 3.40 31.99 6.50
C SER A 46 2.13 32.81 6.37
N GLU A 47 1.31 32.83 7.44
CA GLU A 47 0.16 33.75 7.53
C GLU A 47 0.52 35.22 7.38
N ASP A 48 1.75 35.57 7.77
CA ASP A 48 2.26 36.94 7.63
C ASP A 48 2.85 37.27 6.27
N ASP A 49 3.04 36.27 5.42
CA ASP A 49 3.52 36.53 4.06
C ASP A 49 2.85 35.56 3.08
N PRO A 50 1.58 35.80 2.78
CA PRO A 50 0.81 34.90 1.96
C PRO A 50 1.11 34.98 0.46
N ASP A 51 1.88 35.96 0.02
CA ASP A 51 2.07 36.19 -1.40
C ASP A 51 3.05 35.16 -1.98
N VAL A 52 2.54 34.28 -2.85
CA VAL A 52 3.36 33.27 -3.50
C VAL A 52 3.19 33.49 -4.97
N GLN A 53 4.31 33.48 -5.73
CA GLN A 53 4.30 33.67 -7.15
C GLN A 53 4.55 32.29 -7.77
N ILE A 54 3.67 31.85 -8.64
CA ILE A 54 3.77 30.50 -9.25
C ILE A 54 3.75 30.65 -10.73
N SER A 55 4.78 30.12 -11.36
CA SER A 55 4.94 30.17 -12.81
C SER A 55 4.96 28.71 -13.29
N TRP A 56 4.35 28.49 -14.43
CA TRP A 56 4.23 27.13 -15.02
C TRP A 56 4.90 27.09 -16.38
N PHE A 57 5.51 25.96 -16.70
CA PHE A 57 6.14 25.74 -18.00
C PHE A 57 5.77 24.35 -18.53
N VAL A 58 5.67 24.26 -19.85
CA VAL A 58 5.45 22.97 -20.54
C VAL A 58 6.63 22.84 -21.52
N ASN A 59 7.52 21.86 -21.29
CA ASN A 59 8.80 21.79 -22.03
C ASN A 59 9.51 23.13 -22.09
N ASN A 60 9.58 23.75 -20.92
CA ASN A 60 10.26 25.05 -20.71
C ASN A 60 9.63 26.25 -21.38
N VAL A 61 8.45 26.10 -21.94
CA VAL A 61 7.70 27.22 -22.45
C VAL A 61 6.72 27.68 -21.39
N GLU A 62 6.80 28.96 -21.01
CA GLU A 62 5.94 29.49 -19.95
C GLU A 62 4.52 29.58 -20.40
N VAL A 63 3.59 29.18 -19.53
CA VAL A 63 2.17 29.23 -19.81
C VAL A 63 1.47 29.91 -18.65
N HIS A 64 0.31 30.48 -18.95
CA HIS A 64 -0.37 31.41 -18.02
C HIS A 64 -1.83 31.04 -17.76
N THR A 65 -2.18 29.76 -17.90
CA THR A 65 -3.53 29.24 -17.77
C THR A 65 -3.90 28.59 -16.41
N ALA A 66 -2.98 28.54 -15.46
CA ALA A 66 -3.27 27.83 -14.20
C ALA A 66 -4.28 28.60 -13.34
N GLN A 67 -5.08 27.86 -12.58
CA GLN A 67 -6.00 28.44 -11.58
C GLN A 67 -5.40 28.18 -10.20
N THR A 68 -5.25 29.23 -9.41
CA THR A 68 -4.55 29.14 -8.15
C THR A 68 -5.43 29.69 -7.03
N GLN A 69 -5.48 28.97 -5.91
N GLN A 69 -5.45 29.00 -5.90
CA GLN A 69 -6.23 29.38 -4.71
CA GLN A 69 -6.23 29.48 -4.72
C GLN A 69 -5.31 29.30 -3.51
C GLN A 69 -5.45 29.19 -3.45
N THR A 70 -5.63 30.07 -2.46
CA THR A 70 -4.94 29.99 -1.17
C THR A 70 -5.97 29.62 -0.11
N HIS A 71 -5.59 28.71 0.79
CA HIS A 71 -6.39 28.49 2.03
C HIS A 71 -5.61 28.33 3.30
N ARG A 72 -6.29 28.45 4.44
N ARG A 72 -6.30 28.44 4.44
CA ARG A 72 -5.68 28.38 5.75
CA ARG A 72 -5.65 28.36 5.74
C ARG A 72 -5.62 26.94 6.18
C ARG A 72 -5.62 26.92 6.17
N GLU A 73 -4.50 26.52 6.78
CA GLU A 73 -4.39 25.20 7.37
C GLU A 73 -4.42 25.44 8.89
N ASP A 74 -5.61 25.26 9.47
CA ASP A 74 -5.85 25.51 10.90
C ASP A 74 -5.09 24.57 11.81
N TYR A 75 -4.75 23.38 11.32
CA TYR A 75 -4.03 22.39 12.12
C TYR A 75 -2.76 22.96 12.77
N ASN A 76 -2.03 23.78 12.02
CA ASN A 76 -0.78 24.39 12.52
C ASN A 76 -0.61 25.85 12.13
N SER A 77 -1.71 26.54 11.85
CA SER A 77 -1.67 28.00 11.56
C SER A 77 -0.72 28.37 10.44
N THR A 78 -0.78 27.59 9.36
CA THR A 78 -0.04 27.93 8.12
C THR A 78 -1.06 28.12 6.98
N LEU A 79 -0.59 28.55 5.82
CA LEU A 79 -1.39 28.65 4.58
C LEU A 79 -0.90 27.57 3.61
N ARG A 80 -1.80 27.21 2.70
CA ARG A 80 -1.53 26.25 1.62
C ARG A 80 -2.01 26.88 0.31
N VAL A 81 -1.18 26.80 -0.74
CA VAL A 81 -1.51 27.36 -2.03
C VAL A 81 -1.64 26.20 -2.98
N VAL A 82 -2.74 26.13 -3.73
CA VAL A 82 -2.98 25.06 -4.65
C VAL A 82 -3.10 25.64 -6.05
N SER A 83 -2.23 25.24 -6.98
CA SER A 83 -2.25 25.74 -8.34
C SER A 83 -2.54 24.59 -9.25
N ALA A 84 -3.59 24.70 -10.05
CA ALA A 84 -4.05 23.64 -10.92
C ALA A 84 -3.87 24.09 -12.35
N LEU A 85 -3.06 23.36 -13.12
CA LEU A 85 -2.81 23.65 -14.53
C LEU A 85 -3.61 22.68 -15.40
N PRO A 86 -4.60 23.17 -16.15
CA PRO A 86 -5.32 22.27 -17.06
C PRO A 86 -4.43 21.97 -18.25
N ILE A 87 -4.34 20.68 -18.59
CA ILE A 87 -3.41 20.23 -19.61
C ILE A 87 -4.16 19.56 -20.75
N GLN A 88 -3.51 19.58 -21.91
CA GLN A 88 -3.97 18.78 -23.05
C GLN A 88 -3.54 17.33 -22.84
N HIS A 89 -4.50 16.45 -23.08
CA HIS A 89 -4.30 15.00 -22.89
C HIS A 89 -3.01 14.54 -23.60
N GLN A 90 -2.86 14.96 -24.85
CA GLN A 90 -1.75 14.51 -25.67
C GLN A 90 -0.38 15.03 -25.17
N ASP A 91 -0.34 16.20 -24.51
CA ASP A 91 0.93 16.67 -23.92
C ASP A 91 1.42 15.76 -22.83
N TRP A 92 0.50 15.24 -22.01
CA TRP A 92 0.86 14.23 -21.03
C TRP A 92 1.32 12.96 -21.72
N MET A 93 0.47 12.45 -22.61
CA MET A 93 0.75 11.18 -23.27
C MET A 93 2.02 11.13 -24.10
N SER A 94 2.43 12.27 -24.65
CA SER A 94 3.64 12.39 -25.44
C SER A 94 4.90 12.63 -24.59
N GLY A 95 4.77 12.73 -23.26
CA GLY A 95 5.89 12.76 -22.34
C GLY A 95 6.49 14.15 -22.17
N LYS A 96 5.72 15.20 -22.45
CA LYS A 96 6.17 16.56 -22.11
C LYS A 96 6.33 16.76 -20.61
N GLU A 97 7.23 17.68 -20.26
CA GLU A 97 7.59 17.99 -18.89
C GLU A 97 6.82 19.23 -18.43
N PHE A 98 6.18 19.09 -17.27
CA PHE A 98 5.43 20.19 -16.65
C PHE A 98 6.20 20.64 -15.46
N LYS A 99 6.39 21.95 -15.34
CA LYS A 99 7.22 22.51 -14.30
C LYS A 99 6.49 23.66 -13.60
N CYS A 100 6.49 23.61 -12.29
CA CYS A 100 6.04 24.80 -11.52
C CYS A 100 7.24 25.41 -10.81
N LYS A 101 7.31 26.73 -10.83
CA LYS A 101 8.35 27.51 -10.16
C LYS A 101 7.66 28.40 -9.12
N VAL A 102 8.07 28.26 -7.87
CA VAL A 102 7.39 28.90 -6.71
C VAL A 102 8.38 29.92 -6.13
N ASN A 103 7.93 31.17 -6.04
CA ASN A 103 8.73 32.24 -5.43
C ASN A 103 7.96 32.95 -4.34
N ASN A 104 8.70 33.56 -3.43
CA ASN A 104 8.14 34.13 -2.19
C ASN A 104 9.28 34.90 -1.55
N LYS A 105 8.93 35.90 -0.73
CA LYS A 105 9.92 36.65 0.07
C LYS A 105 10.64 35.73 1.06
N ASP A 106 9.93 34.73 1.59
CA ASP A 106 10.50 33.81 2.58
C ASP A 106 11.37 32.69 2.00
N LEU A 107 11.80 32.80 0.74
CA LEU A 107 12.62 31.77 0.09
C LEU A 107 13.98 32.30 -0.31
N PRO A 108 15.07 31.57 0.03
CA PRO A 108 16.40 31.96 -0.46
C PRO A 108 16.56 31.81 -1.97
N ALA A 109 15.78 30.91 -2.57
CA ALA A 109 15.79 30.70 -4.02
C ALA A 109 14.39 30.21 -4.42
N PRO A 110 13.97 30.45 -5.67
CA PRO A 110 12.72 29.79 -6.12
C PRO A 110 12.80 28.26 -6.04
N ILE A 111 11.68 27.62 -5.73
CA ILE A 111 11.59 26.19 -5.71
C ILE A 111 10.96 25.77 -7.03
N GLU A 112 11.58 24.79 -7.72
CA GLU A 112 11.05 24.33 -9.00
C GLU A 112 10.77 22.85 -8.83
N ARG A 113 9.61 22.40 -9.32
CA ARG A 113 9.23 20.99 -9.28
C ARG A 113 8.84 20.60 -10.69
N THR A 114 9.17 19.38 -11.11
CA THR A 114 8.84 18.91 -12.46
C THR A 114 8.19 17.58 -12.38
N ILE A 115 7.37 17.31 -13.40
CA ILE A 115 6.71 16.03 -13.51
C ILE A 115 6.39 15.72 -14.97
N SER A 116 6.41 14.40 -15.31
CA SER A 116 6.12 13.95 -16.67
C SER A 116 5.70 12.51 -16.59
N LYS A 117 5.11 12.04 -17.66
CA LYS A 117 4.67 10.63 -17.71
C LYS A 117 5.90 9.77 -17.86
N PRO A 118 6.15 8.83 -16.94
CA PRO A 118 7.40 8.10 -17.04
C PRO A 118 7.48 7.26 -18.33
N LYS A 119 8.67 7.18 -18.89
CA LYS A 119 8.87 6.48 -20.14
C LYS A 119 9.24 5.04 -19.88
N GLY A 120 8.48 4.13 -20.48
CA GLY A 120 8.71 2.69 -20.30
C GLY A 120 7.79 1.85 -21.15
N SER A 121 7.81 0.53 -20.86
CA SER A 121 6.98 -0.42 -21.60
C SER A 121 5.50 -0.23 -21.31
N VAL A 122 4.70 -0.60 -22.29
CA VAL A 122 3.26 -0.58 -22.15
C VAL A 122 2.81 -2.00 -22.46
N ARG A 123 2.04 -2.59 -21.53
CA ARG A 123 1.37 -3.86 -21.75
C ARG A 123 -0.05 -3.76 -21.23
N ALA A 124 -1.01 -4.12 -22.07
CA ALA A 124 -2.41 -4.07 -21.66
C ALA A 124 -2.68 -5.10 -20.55
N PRO A 125 -3.58 -4.75 -19.65
CA PRO A 125 -4.02 -5.74 -18.64
C PRO A 125 -4.83 -6.89 -19.23
N GLN A 126 -4.63 -8.06 -18.66
CA GLN A 126 -5.54 -9.18 -18.82
C GLN A 126 -6.55 -9.09 -17.65
N VAL A 127 -7.83 -9.12 -17.99
CA VAL A 127 -8.91 -8.91 -17.01
C VAL A 127 -9.70 -10.20 -16.95
N TYR A 128 -9.94 -10.71 -15.75
CA TYR A 128 -10.85 -11.84 -15.57
C TYR A 128 -11.80 -11.56 -14.43
N VAL A 129 -13.05 -12.01 -14.57
CA VAL A 129 -14.00 -12.00 -13.47
C VAL A 129 -14.10 -13.42 -12.90
N LEU A 130 -14.07 -13.53 -11.57
CA LEU A 130 -14.09 -14.81 -10.85
C LEU A 130 -15.36 -14.85 -10.03
N PRO A 131 -16.05 -15.98 -10.07
CA PRO A 131 -17.25 -16.14 -9.28
C PRO A 131 -16.96 -16.29 -7.79
N PRO A 132 -18.03 -16.35 -6.98
CA PRO A 132 -17.76 -16.62 -5.57
C PRO A 132 -17.11 -17.95 -5.37
N PRO A 133 -16.27 -18.08 -4.34
CA PRO A 133 -15.83 -19.41 -3.98
C PRO A 133 -17.03 -20.29 -3.60
N GLU A 134 -16.93 -21.57 -3.91
CA GLU A 134 -18.04 -22.50 -3.73
C GLU A 134 -18.56 -22.47 -2.29
N GLU A 135 -17.63 -22.37 -1.34
N GLU A 135 -17.63 -22.38 -1.34
CA GLU A 135 -17.99 -22.41 0.08
CA GLU A 135 -18.00 -22.42 0.08
C GLU A 135 -18.79 -21.21 0.57
C GLU A 135 -18.79 -21.21 0.57
N GLU A 136 -18.71 -20.10 -0.16
CA GLU A 136 -19.50 -18.93 0.10
C GLU A 136 -20.94 -19.02 -0.37
N MET A 137 -21.25 -19.99 -1.25
CA MET A 137 -22.55 -20.06 -1.86
C MET A 137 -23.70 -20.43 -0.89
N THR A 138 -23.40 -20.83 0.37
CA THR A 138 -24.47 -20.95 1.38
C THR A 138 -24.79 -19.66 2.13
N LYS A 139 -24.13 -18.56 1.79
CA LYS A 139 -24.29 -17.32 2.49
C LYS A 139 -25.26 -16.45 1.78
N LYS A 140 -25.76 -15.45 2.49
CA LYS A 140 -26.73 -14.51 1.96
C LYS A 140 -26.06 -13.51 1.02
N GLN A 141 -24.81 -13.17 1.31
CA GLN A 141 -24.02 -12.24 0.50
C GLN A 141 -22.81 -12.99 -0.01
N VAL A 142 -22.43 -12.75 -1.28
CA VAL A 142 -21.32 -13.48 -1.87
C VAL A 142 -20.37 -12.42 -2.49
N THR A 143 -19.16 -12.87 -2.84
CA THR A 143 -18.09 -11.97 -3.27
C THR A 143 -17.72 -12.28 -4.74
N LEU A 144 -17.75 -11.25 -5.57
CA LEU A 144 -17.26 -11.34 -6.96
C LEU A 144 -15.87 -10.66 -7.02
N THR A 145 -14.93 -11.29 -7.71
CA THR A 145 -13.56 -10.79 -7.77
C THR A 145 -13.17 -10.50 -9.21
N CYS A 146 -12.59 -9.33 -9.45
CA CYS A 146 -12.05 -8.99 -10.75
C CYS A 146 -10.52 -9.01 -10.59
N MET A 147 -9.89 -9.87 -11.36
N MET A 147 -9.87 -9.87 -11.35
CA MET A 147 -8.44 -10.03 -11.43
CA MET A 147 -8.40 -9.99 -11.33
C MET A 147 -7.95 -9.20 -12.61
C MET A 147 -7.83 -9.33 -12.57
N VAL A 148 -7.03 -8.28 -12.34
CA VAL A 148 -6.47 -7.45 -13.43
C VAL A 148 -4.95 -7.59 -13.35
N LYS A 149 -4.32 -8.17 -14.37
CA LYS A 149 -2.93 -8.53 -14.24
C LYS A 149 -2.13 -8.31 -15.52
N ASP A 150 -0.83 -8.43 -15.38
N ASP A 150 -0.82 -8.43 -15.39
CA ASP A 150 0.15 -8.38 -16.48
CA ASP A 150 0.13 -8.37 -16.51
C ASP A 150 0.31 -7.01 -17.12
C ASP A 150 0.08 -7.02 -17.21
N PHE A 151 -0.12 -5.95 -16.43
CA PHE A 151 -0.14 -4.60 -17.01
C PHE A 151 1.10 -3.76 -16.68
N MET A 152 1.42 -2.87 -17.65
CA MET A 152 2.47 -1.89 -17.48
C MET A 152 2.06 -0.66 -18.26
N PRO A 153 2.25 0.56 -17.74
CA PRO A 153 2.70 0.86 -16.42
C PRO A 153 1.59 0.59 -15.36
N GLU A 154 1.92 0.87 -14.11
CA GLU A 154 1.01 0.57 -12.99
C GLU A 154 -0.25 1.42 -12.94
N ASP A 155 -0.25 2.54 -13.64
CA ASP A 155 -1.39 3.48 -13.61
C ASP A 155 -2.63 2.87 -14.27
N ILE A 156 -3.71 2.81 -13.51
CA ILE A 156 -4.90 2.08 -13.94
C ILE A 156 -6.09 2.58 -13.17
N TYR A 157 -7.26 2.44 -13.75
CA TYR A 157 -8.49 2.72 -13.09
C TYR A 157 -9.44 1.53 -13.26
N VAL A 158 -10.02 1.06 -12.15
CA VAL A 158 -10.87 -0.14 -12.14
C VAL A 158 -12.14 0.17 -11.36
N GLU A 159 -13.28 -0.25 -11.93
CA GLU A 159 -14.55 -0.16 -11.20
C GLU A 159 -15.43 -1.35 -11.54
N TRP A 160 -16.37 -1.64 -10.64
CA TRP A 160 -17.47 -2.58 -10.96
C TRP A 160 -18.71 -1.75 -11.30
N THR A 161 -19.51 -2.26 -12.22
CA THR A 161 -20.78 -1.62 -12.61
C THR A 161 -21.87 -2.67 -12.68
N ASN A 162 -23.11 -2.21 -12.55
CA ASN A 162 -24.27 -3.09 -12.74
C ASN A 162 -25.31 -2.35 -13.57
N ASN A 163 -25.70 -2.97 -14.68
CA ASN A 163 -26.58 -2.33 -15.66
C ASN A 163 -26.07 -0.97 -16.10
N GLY A 164 -24.74 -0.86 -16.27
CA GLY A 164 -24.08 0.41 -16.61
C GLY A 164 -23.84 1.39 -15.47
N LYS A 165 -24.52 1.23 -14.32
CA LYS A 165 -24.40 2.17 -13.20
C LYS A 165 -23.16 1.81 -12.37
N THR A 166 -22.31 2.82 -12.11
CA THR A 166 -21.12 2.66 -11.27
C THR A 166 -21.56 2.10 -9.91
N GLU A 167 -20.93 1.01 -9.49
CA GLU A 167 -21.45 0.19 -8.40
C GLU A 167 -21.24 0.80 -7.04
N LEU A 168 -22.10 0.38 -6.12
CA LEU A 168 -22.00 0.73 -4.73
C LEU A 168 -20.83 0.01 -4.07
N ASN A 169 -20.94 -1.30 -3.81
CA ASN A 169 -20.04 -1.83 -2.76
C ASN A 169 -18.84 -2.63 -3.26
N TYR A 170 -17.91 -1.90 -3.89
CA TYR A 170 -16.64 -2.55 -4.32
C TYR A 170 -15.43 -1.79 -3.77
N LYS A 171 -14.31 -2.51 -3.68
CA LYS A 171 -13.08 -1.95 -3.21
C LYS A 171 -11.93 -2.54 -3.99
N ASN A 172 -10.96 -1.72 -4.32
CA ASN A 172 -9.77 -2.09 -5.10
C ASN A 172 -8.55 -2.25 -4.25
N THR A 173 -7.72 -3.22 -4.58
CA THR A 173 -6.35 -3.22 -4.05
C THR A 173 -5.52 -2.25 -4.86
N GLU A 174 -4.38 -1.85 -4.28
CA GLU A 174 -3.38 -1.10 -5.05
C GLU A 174 -2.62 -2.08 -5.96
N PRO A 175 -2.00 -1.61 -7.04
CA PRO A 175 -1.21 -2.51 -7.86
C PRO A 175 0.01 -3.01 -7.14
N VAL A 176 0.41 -4.23 -7.49
CA VAL A 176 1.50 -4.95 -6.87
C VAL A 176 2.46 -5.31 -8.01
N LEU A 177 3.77 -5.13 -7.76
CA LEU A 177 4.82 -5.56 -8.73
C LEU A 177 4.96 -7.04 -8.72
N ASP A 178 4.75 -7.67 -9.88
CA ASP A 178 4.77 -9.12 -10.03
C ASP A 178 6.24 -9.49 -10.34
N SER A 179 6.48 -10.79 -10.31
CA SER A 179 7.83 -11.34 -10.46
C SER A 179 8.45 -11.04 -11.83
N ASP A 180 7.65 -10.80 -12.86
CA ASP A 180 8.18 -10.44 -14.17
C ASP A 180 8.27 -8.95 -14.49
N GLY A 181 8.03 -8.06 -13.51
CA GLY A 181 8.05 -6.65 -13.75
C GLY A 181 6.73 -6.02 -14.20
N SER A 182 5.71 -6.85 -14.43
CA SER A 182 4.37 -6.32 -14.69
C SER A 182 3.67 -6.12 -13.33
N TYR A 183 2.49 -5.55 -13.40
CA TYR A 183 1.67 -5.31 -12.20
C TYR A 183 0.35 -6.04 -12.24
N PHE A 184 -0.21 -6.27 -11.05
CA PHE A 184 -1.57 -6.82 -10.92
C PHE A 184 -2.29 -6.12 -9.79
N MET A 185 -3.61 -6.29 -9.81
CA MET A 185 -4.47 -5.85 -8.72
C MET A 185 -5.73 -6.69 -8.73
N TYR A 186 -6.51 -6.59 -7.66
CA TYR A 186 -7.82 -7.19 -7.60
C TYR A 186 -8.87 -6.15 -7.20
N SER A 187 -10.10 -6.35 -7.68
CA SER A 187 -11.23 -5.53 -7.24
C SER A 187 -12.30 -6.46 -6.66
N LYS A 188 -12.74 -6.20 -5.45
CA LYS A 188 -13.66 -7.07 -4.72
C LYS A 188 -15.05 -6.39 -4.68
N LEU A 189 -16.09 -7.12 -5.10
CA LEU A 189 -17.47 -6.63 -5.08
C LEU A 189 -18.34 -7.57 -4.22
N ARG A 190 -19.02 -7.01 -3.20
CA ARG A 190 -20.00 -7.76 -2.39
C ARG A 190 -21.38 -7.56 -2.99
N VAL A 191 -22.07 -8.67 -3.21
CA VAL A 191 -23.45 -8.63 -3.72
C VAL A 191 -24.36 -9.58 -2.91
N GLU A 192 -25.65 -9.28 -2.97
CA GLU A 192 -26.69 -10.22 -2.52
C GLU A 192 -26.66 -11.45 -3.38
N LYS A 193 -26.62 -12.61 -2.71
CA LYS A 193 -26.66 -13.87 -3.42
C LYS A 193 -27.89 -13.94 -4.35
N LYS A 194 -29.05 -13.46 -3.88
CA LYS A 194 -30.28 -13.37 -4.69
C LYS A 194 -30.03 -12.68 -6.01
N ASN A 195 -29.40 -11.51 -5.93
CA ASN A 195 -29.06 -10.73 -7.14
C ASN A 195 -28.08 -11.43 -8.06
N TRP A 196 -27.11 -12.13 -7.47
CA TRP A 196 -26.14 -12.91 -8.23
C TRP A 196 -26.77 -14.09 -9.01
N VAL A 197 -27.61 -14.87 -8.35
CA VAL A 197 -28.25 -16.01 -9.02
C VAL A 197 -29.32 -15.55 -10.04
N GLU A 198 -30.04 -14.47 -9.74
CA GLU A 198 -31.04 -13.92 -10.69
C GLU A 198 -30.34 -13.10 -11.76
N ARG A 199 -31.02 -12.85 -12.87
CA ARG A 199 -30.46 -12.10 -14.02
C ARG A 199 -29.71 -10.86 -13.52
N ASN A 200 -28.39 -10.89 -13.68
CA ASN A 200 -27.49 -9.81 -13.22
C ASN A 200 -26.68 -9.26 -14.39
N SER A 201 -26.17 -8.05 -14.25
CA SER A 201 -25.27 -7.52 -15.26
C SER A 201 -23.96 -7.01 -14.63
N TYR A 202 -23.48 -7.68 -13.59
CA TYR A 202 -22.23 -7.20 -12.94
C TYR A 202 -21.03 -7.32 -13.86
N SER A 203 -20.30 -6.22 -13.97
CA SER A 203 -19.22 -6.12 -14.90
C SER A 203 -18.07 -5.36 -14.28
N CYS A 204 -16.87 -5.80 -14.64
N CYS A 204 -16.85 -5.79 -14.57
CA CYS A 204 -15.63 -5.13 -14.22
CA CYS A 204 -15.70 -5.01 -14.12
C CYS A 204 -15.22 -4.26 -15.41
C CYS A 204 -15.01 -4.30 -15.31
N SER A 205 -14.91 -2.97 -15.13
CA SER A 205 -14.55 -2.04 -16.15
C SER A 205 -13.14 -1.52 -15.81
N VAL A 206 -12.28 -1.49 -16.81
CA VAL A 206 -10.86 -1.18 -16.64
C VAL A 206 -10.43 -0.13 -17.65
N VAL A 207 -9.71 0.90 -17.18
CA VAL A 207 -9.17 1.97 -18.01
C VAL A 207 -7.65 1.94 -17.87
N HIS A 208 -6.97 1.78 -19.01
CA HIS A 208 -5.53 1.62 -19.04
C HIS A 208 -5.04 1.99 -20.45
N GLU A 209 -3.86 2.57 -20.51
N GLU A 209 -3.83 2.57 -20.49
CA GLU A 209 -3.36 3.08 -21.78
CA GLU A 209 -3.18 3.04 -21.72
C GLU A 209 -2.97 2.00 -22.81
C GLU A 209 -3.10 1.98 -22.81
N GLY A 210 -2.87 0.74 -22.40
CA GLY A 210 -2.62 -0.37 -23.31
C GLY A 210 -3.85 -0.94 -23.99
N LEU A 211 -5.02 -0.54 -23.55
CA LEU A 211 -6.25 -1.08 -24.12
C LEU A 211 -6.71 -0.31 -25.32
N HIS A 212 -7.36 -1.02 -26.24
CA HIS A 212 -8.06 -0.34 -27.31
C HIS A 212 -9.13 0.59 -26.75
N ASN A 213 -9.13 1.84 -27.25
CA ASN A 213 -9.96 2.94 -26.70
C ASN A 213 -9.75 3.22 -25.20
N HIS A 214 -8.61 2.76 -24.71
CA HIS A 214 -8.20 2.93 -23.29
C HIS A 214 -9.17 2.29 -22.30
N HIS A 215 -9.98 1.34 -22.74
CA HIS A 215 -11.08 0.84 -21.88
C HIS A 215 -11.50 -0.55 -22.33
N THR A 216 -11.82 -1.41 -21.36
CA THR A 216 -12.40 -2.72 -21.62
C THR A 216 -13.34 -3.09 -20.46
N THR A 217 -14.25 -4.03 -20.71
CA THR A 217 -15.14 -4.53 -19.66
C THR A 217 -15.13 -6.03 -19.73
N LYS A 218 -15.30 -6.66 -18.59
N LYS A 218 -15.35 -6.65 -18.59
CA LYS A 218 -15.56 -8.09 -18.52
CA LYS A 218 -15.48 -8.10 -18.49
C LYS A 218 -16.79 -8.35 -17.70
C LYS A 218 -16.68 -8.46 -17.64
N SER A 219 -17.60 -9.30 -18.19
CA SER A 219 -18.85 -9.66 -17.56
C SER A 219 -18.97 -11.20 -17.50
N PHE A 220 -19.84 -11.68 -16.61
CA PHE A 220 -20.08 -13.12 -16.51
C PHE A 220 -21.02 -13.62 -17.59
N SER A 221 -21.84 -12.74 -18.12
CA SER A 221 -22.76 -13.12 -19.21
C SER A 221 -23.16 -11.94 -20.05
N ARG A 222 -23.79 -12.24 -21.20
CA ARG A 222 -24.35 -11.21 -22.08
C ARG A 222 -25.80 -10.94 -21.74
N GLY B 16 21.21 17.63 16.28
CA GLY B 16 21.44 16.45 17.17
C GLY B 16 20.84 15.17 16.59
N PRO B 17 20.95 14.07 17.33
CA PRO B 17 20.40 12.80 16.79
C PRO B 17 18.89 12.74 16.87
N SER B 18 18.32 11.83 16.08
CA SER B 18 16.89 11.56 16.01
C SER B 18 16.74 10.07 16.34
N VAL B 19 15.63 9.71 16.94
CA VAL B 19 15.40 8.30 17.37
C VAL B 19 14.05 7.85 16.78
N PHE B 20 14.08 6.68 16.16
CA PHE B 20 12.87 6.03 15.60
C PHE B 20 12.69 4.67 16.26
N ILE B 21 11.43 4.28 16.45
CA ILE B 21 11.13 3.02 17.12
C ILE B 21 10.19 2.23 16.25
N PHE B 22 10.44 0.93 16.18
CA PHE B 22 9.75 0.03 15.26
C PHE B 22 9.19 -1.19 15.98
N PRO B 23 8.01 -1.64 15.57
CA PRO B 23 7.39 -2.81 16.17
C PRO B 23 7.96 -4.12 15.68
N PRO B 24 7.60 -5.22 16.39
CA PRO B 24 7.93 -6.53 15.87
C PRO B 24 7.13 -6.82 14.59
N LYS B 25 7.63 -7.74 13.79
CA LYS B 25 6.88 -8.27 12.67
C LYS B 25 5.72 -9.09 13.21
N ILE B 26 4.55 -8.96 12.56
CA ILE B 26 3.36 -9.64 13.01
C ILE B 26 3.55 -11.16 13.09
N LYS B 27 4.21 -11.74 12.09
CA LYS B 27 4.41 -13.20 12.15
C LYS B 27 5.21 -13.61 13.37
N ASP B 28 6.22 -12.82 13.68
CA ASP B 28 7.10 -13.15 14.80
C ASP B 28 6.36 -13.07 16.12
N VAL B 29 5.49 -12.04 16.31
CA VAL B 29 4.88 -11.86 17.57
C VAL B 29 3.69 -12.82 17.80
N LEU B 30 3.11 -13.36 16.71
CA LEU B 30 1.99 -14.28 16.80
C LEU B 30 2.40 -15.73 16.91
N MET B 31 3.61 -16.05 16.51
CA MET B 31 4.10 -17.45 16.55
C MET B 31 5.09 -17.61 17.67
N ILE B 32 4.71 -18.44 18.62
N ILE B 32 4.75 -18.39 18.73
CA ILE B 32 5.49 -18.64 19.81
CA ILE B 32 5.68 -18.59 19.90
C ILE B 32 6.90 -19.20 19.57
C ILE B 32 7.03 -19.15 19.54
N SER B 33 7.11 -19.88 18.44
CA SER B 33 8.42 -20.42 18.02
C SER B 33 9.34 -19.37 17.41
N LEU B 34 8.84 -18.16 17.14
CA LEU B 34 9.66 -17.17 16.49
C LEU B 34 10.07 -16.10 17.52
N SER B 35 10.94 -15.18 17.10
CA SER B 35 11.60 -14.24 18.01
C SER B 35 11.28 -12.77 17.69
N PRO B 36 10.21 -12.25 18.27
CA PRO B 36 9.84 -10.86 17.97
C PRO B 36 10.81 -9.90 18.58
N ILE B 37 11.05 -8.78 17.89
CA ILE B 37 12.02 -7.78 18.31
C ILE B 37 11.39 -6.39 18.19
N VAL B 38 11.61 -5.54 19.19
CA VAL B 38 11.31 -4.10 19.10
C VAL B 38 12.62 -3.42 18.84
N THR B 39 12.68 -2.52 17.85
CA THR B 39 13.96 -1.89 17.46
C THR B 39 13.92 -0.40 17.66
N CYS B 40 15.02 0.12 18.19
N CYS B 40 14.91 0.17 18.36
CA CYS B 40 15.26 1.53 18.44
CA CYS B 40 15.18 1.61 18.26
C CYS B 40 16.43 1.96 17.54
C CYS B 40 16.36 1.82 17.33
N VAL B 41 16.26 2.90 16.60
CA VAL B 41 17.33 3.33 15.65
C VAL B 41 17.65 4.76 15.94
N VAL B 42 18.92 5.03 16.20
CA VAL B 42 19.40 6.37 16.43
C VAL B 42 20.12 6.81 15.18
N VAL B 43 19.65 7.92 14.64
N VAL B 43 19.62 7.84 14.54
CA VAL B 43 20.10 8.48 13.37
CA VAL B 43 20.31 8.38 13.37
C VAL B 43 20.87 9.75 13.67
C VAL B 43 20.92 9.71 13.69
N ASP B 44 21.85 10.13 12.83
CA ASP B 44 22.61 11.35 13.02
C ASP B 44 23.43 11.38 14.28
N VAL B 45 24.00 10.22 14.62
CA VAL B 45 25.04 10.15 15.62
C VAL B 45 26.33 10.70 14.99
N SER B 46 27.07 11.48 15.77
CA SER B 46 28.32 12.05 15.25
C SER B 46 29.41 10.99 15.19
N GLU B 47 30.16 10.94 14.08
CA GLU B 47 31.34 10.08 14.01
C GLU B 47 32.44 10.49 15.03
N ASP B 48 32.39 11.73 15.48
CA ASP B 48 33.32 12.30 16.46
C ASP B 48 32.98 11.89 17.88
N ASP B 49 31.74 11.47 18.14
CA ASP B 49 31.30 11.05 19.49
C ASP B 49 30.32 9.89 19.35
N PRO B 50 30.83 8.71 19.09
CA PRO B 50 30.02 7.56 18.76
C PRO B 50 29.25 6.95 19.95
N ASP B 51 29.55 7.34 21.18
CA ASP B 51 29.02 6.63 22.35
C ASP B 51 27.61 7.12 22.71
N VAL B 52 26.65 6.25 22.58
N VAL B 52 26.69 6.17 22.70
CA VAL B 52 25.28 6.57 23.06
CA VAL B 52 25.28 6.42 22.95
C VAL B 52 24.94 5.48 24.06
C VAL B 52 24.91 5.44 24.04
N GLN B 53 24.13 5.84 25.04
CA GLN B 53 23.71 4.92 26.07
C GLN B 53 22.22 4.69 25.82
N ILE B 54 21.84 3.43 25.65
CA ILE B 54 20.43 3.09 25.36
C ILE B 54 19.93 2.19 26.47
N SER B 55 18.84 2.63 27.09
N SER B 55 18.84 2.60 27.07
CA SER B 55 18.15 1.90 28.15
CA SER B 55 18.18 1.75 28.07
C SER B 55 16.81 1.44 27.55
C SER B 55 16.75 1.51 27.68
N TRP B 56 16.29 0.32 28.04
CA TRP B 56 14.99 -0.20 27.59
C TRP B 56 14.09 -0.47 28.76
N PHE B 57 12.80 -0.22 28.59
CA PHE B 57 11.83 -0.42 29.65
C PHE B 57 10.61 -1.11 29.07
N VAL B 58 10.00 -2.05 29.82
CA VAL B 58 8.77 -2.67 29.42
C VAL B 58 7.78 -2.47 30.56
N ASN B 59 6.67 -1.80 30.30
CA ASN B 59 5.75 -1.36 31.39
C ASN B 59 6.51 -0.64 32.50
N ASN B 60 7.45 0.22 32.09
CA ASN B 60 8.29 1.00 32.99
C ASN B 60 9.27 0.24 33.86
N VAL B 61 9.47 -1.06 33.58
CA VAL B 61 10.45 -1.90 34.22
C VAL B 61 11.69 -2.01 33.29
N GLU B 62 12.85 -1.65 33.83
CA GLU B 62 14.08 -1.73 33.01
C GLU B 62 14.44 -3.16 32.69
N VAL B 63 14.84 -3.40 31.45
CA VAL B 63 15.25 -4.69 30.99
C VAL B 63 16.60 -4.58 30.36
N HIS B 64 17.33 -5.68 30.30
CA HIS B 64 18.78 -5.64 30.01
C HIS B 64 19.26 -6.55 28.94
N THR B 65 18.36 -7.00 28.07
CA THR B 65 18.61 -8.03 27.06
C THR B 65 18.80 -7.52 25.61
N ALA B 66 18.80 -6.21 25.41
CA ALA B 66 18.89 -5.73 24.02
C ALA B 66 20.28 -5.94 23.46
N GLN B 67 20.34 -6.08 22.15
CA GLN B 67 21.60 -6.20 21.42
C GLN B 67 21.74 -4.92 20.61
N THR B 68 22.87 -4.25 20.73
CA THR B 68 23.05 -2.94 20.11
C THR B 68 24.32 -2.98 19.25
N GLN B 69 24.24 -2.43 18.04
N GLN B 69 24.23 -2.33 18.10
CA GLN B 69 25.47 -2.25 17.24
CA GLN B 69 25.38 -2.20 17.17
C GLN B 69 25.41 -0.93 16.46
C GLN B 69 25.43 -0.78 16.65
N THR B 70 26.62 -0.38 16.21
CA THR B 70 26.83 0.89 15.59
C THR B 70 27.41 0.69 14.23
N HIS B 71 26.92 1.46 13.28
CA HIS B 71 27.63 1.48 11.98
C HIS B 71 27.60 2.79 11.28
N ARG B 72 28.46 2.94 10.23
CA ARG B 72 28.63 4.23 9.59
C ARG B 72 27.61 4.35 8.46
N GLU B 73 27.08 5.52 8.31
CA GLU B 73 26.28 5.87 7.16
C GLU B 73 27.18 6.80 6.30
N ASP B 74 27.78 6.19 5.29
CA ASP B 74 28.74 6.89 4.44
C ASP B 74 28.06 7.90 3.54
N TYR B 75 26.75 7.82 3.32
CA TYR B 75 26.03 8.84 2.50
C TYR B 75 26.28 10.26 2.96
N ASN B 76 26.32 10.48 4.27
CA ASN B 76 26.43 11.79 4.84
C ASN B 76 27.35 11.85 6.07
N SER B 77 28.27 10.88 6.19
CA SER B 77 29.32 10.88 7.20
C SER B 77 28.73 10.98 8.62
N THR B 78 27.68 10.20 8.84
CA THR B 78 27.10 10.05 10.18
C THR B 78 27.16 8.59 10.62
N LEU B 79 26.81 8.35 11.91
CA LEU B 79 26.68 6.99 12.42
C LEU B 79 25.18 6.70 12.65
N ARG B 80 24.87 5.42 12.67
CA ARG B 80 23.54 4.93 13.01
C ARG B 80 23.71 3.86 14.09
N VAL B 81 22.92 3.94 15.18
CA VAL B 81 22.97 2.93 16.23
C VAL B 81 21.68 2.18 16.20
N VAL B 82 21.72 0.86 16.15
CA VAL B 82 20.52 0.01 16.12
C VAL B 82 20.49 -0.87 17.32
N SER B 83 19.42 -0.72 18.09
CA SER B 83 19.26 -1.51 19.34
C SER B 83 18.04 -2.39 19.17
N ALA B 84 18.26 -3.70 19.29
CA ALA B 84 17.21 -4.70 19.06
C ALA B 84 16.86 -5.38 20.37
N LEU B 85 15.66 -5.14 20.88
CA LEU B 85 15.19 -5.76 22.11
C LEU B 85 14.36 -7.01 21.79
N PRO B 86 14.82 -8.22 22.19
CA PRO B 86 13.98 -9.41 22.02
C PRO B 86 12.91 -9.42 23.06
N ILE B 87 11.65 -9.49 22.65
CA ILE B 87 10.57 -9.31 23.54
C ILE B 87 9.82 -10.63 23.78
N GLN B 88 9.12 -10.65 24.89
CA GLN B 88 8.16 -11.70 25.15
C GLN B 88 6.88 -11.36 24.39
N HIS B 89 6.40 -12.34 23.67
CA HIS B 89 5.19 -12.24 22.88
C HIS B 89 4.04 -11.69 23.69
N GLN B 90 3.82 -12.19 24.92
CA GLN B 90 2.67 -11.74 25.70
C GLN B 90 2.74 -10.29 26.16
N ASP B 91 3.96 -9.76 26.32
CA ASP B 91 4.11 -8.35 26.64
C ASP B 91 3.57 -7.47 25.54
N TRP B 92 3.84 -7.85 24.28
CA TRP B 92 3.30 -7.09 23.14
C TRP B 92 1.78 -7.29 23.09
N MET B 93 1.36 -8.54 23.13
CA MET B 93 -0.06 -8.84 22.93
C MET B 93 -0.99 -8.29 24.01
N SER B 94 -0.48 -8.12 25.22
CA SER B 94 -1.24 -7.56 26.33
C SER B 94 -1.24 -6.04 26.39
N GLY B 95 -0.54 -5.37 25.46
CA GLY B 95 -0.63 -3.95 25.32
C GLY B 95 0.37 -3.20 26.19
N LYS B 96 1.39 -3.86 26.70
CA LYS B 96 2.42 -3.16 27.50
C LYS B 96 3.23 -2.21 26.61
N GLU B 97 3.73 -1.15 27.24
CA GLU B 97 4.50 -0.13 26.54
C GLU B 97 5.99 -0.50 26.57
N PHE B 98 6.61 -0.33 25.42
CA PHE B 98 8.04 -0.55 25.25
C PHE B 98 8.68 0.81 25.05
N LYS B 99 9.75 1.10 25.80
CA LYS B 99 10.32 2.44 25.75
C LYS B 99 11.84 2.29 25.58
N CYS B 100 12.44 2.95 24.58
N CYS B 100 12.40 2.97 24.61
CA CYS B 100 13.93 3.08 24.50
CA CYS B 100 13.84 3.16 24.61
C CYS B 100 14.33 4.52 24.84
C CYS B 100 14.19 4.55 25.05
N LYS B 101 15.28 4.68 25.78
CA LYS B 101 15.74 5.95 26.27
C LYS B 101 17.22 6.08 25.79
N VAL B 102 17.52 7.14 25.04
CA VAL B 102 18.82 7.30 24.40
C VAL B 102 19.50 8.54 25.03
N ASN B 103 20.70 8.33 25.50
CA ASN B 103 21.46 9.43 26.09
C ASN B 103 22.84 9.51 25.49
N ASN B 104 23.43 10.69 25.70
CA ASN B 104 24.81 10.92 25.32
C ASN B 104 25.24 12.21 26.03
N LYS B 105 26.58 12.34 26.19
CA LYS B 105 27.12 13.41 27.02
C LYS B 105 26.80 14.79 26.47
N ASP B 106 26.54 14.89 25.16
CA ASP B 106 26.20 16.15 24.57
C ASP B 106 24.76 16.43 24.31
N LEU B 107 23.85 15.51 24.66
CA LEU B 107 22.46 15.83 24.55
C LEU B 107 21.98 16.69 25.73
N PRO B 108 21.08 17.64 25.49
CA PRO B 108 20.56 18.42 26.61
C PRO B 108 19.59 17.65 27.51
N ALA B 109 18.97 16.61 26.98
CA ALA B 109 18.17 15.72 27.77
C ALA B 109 18.10 14.40 26.99
N PRO B 110 17.82 13.29 27.68
CA PRO B 110 17.68 12.04 26.90
C PRO B 110 16.47 12.10 25.96
N ILE B 111 16.54 11.26 24.93
CA ILE B 111 15.43 11.15 23.97
C ILE B 111 14.75 9.79 24.26
N GLU B 112 13.43 9.83 24.46
CA GLU B 112 12.67 8.61 24.79
C GLU B 112 11.67 8.41 23.68
N ARG B 113 11.56 7.17 23.20
CA ARG B 113 10.52 6.82 22.25
C ARG B 113 9.76 5.64 22.86
N THR B 114 8.43 5.61 22.64
CA THR B 114 7.58 4.56 23.15
C THR B 114 6.77 3.94 22.02
N ILE B 115 6.49 2.66 22.18
CA ILE B 115 5.59 1.98 21.24
C ILE B 115 4.81 0.91 21.99
N SER B 116 3.61 0.62 21.45
CA SER B 116 2.79 -0.45 22.03
C SER B 116 1.83 -0.90 20.95
N LYS B 117 1.21 -2.03 21.19
CA LYS B 117 0.26 -2.59 20.23
C LYS B 117 -0.98 -1.70 20.21
N PRO B 118 -1.40 -1.26 19.00
CA PRO B 118 -2.58 -0.38 18.97
C PRO B 118 -3.82 -1.04 19.56
N LYS B 119 -4.60 -0.26 20.29
CA LYS B 119 -5.86 -0.69 20.82
C LYS B 119 -6.84 -0.80 19.66
N GLY B 120 -7.84 -1.64 19.87
CA GLY B 120 -8.94 -1.78 18.90
C GLY B 120 -9.57 -3.13 18.91
N SER B 121 -10.58 -3.31 18.07
CA SER B 121 -11.25 -4.57 17.99
C SER B 121 -10.49 -5.59 17.13
N VAL B 122 -10.84 -6.85 17.34
CA VAL B 122 -10.23 -7.97 16.62
C VAL B 122 -11.36 -8.70 15.92
N ARG B 123 -11.14 -9.01 14.66
CA ARG B 123 -12.05 -9.90 13.86
C ARG B 123 -11.18 -10.89 13.11
N ALA B 124 -11.43 -12.17 13.27
CA ALA B 124 -10.69 -13.19 12.57
C ALA B 124 -10.96 -13.16 11.06
N PRO B 125 -9.93 -13.41 10.26
CA PRO B 125 -10.15 -13.45 8.79
C PRO B 125 -10.98 -14.65 8.37
N GLN B 126 -11.73 -14.44 7.31
CA GLN B 126 -12.33 -15.52 6.53
C GLN B 126 -11.42 -15.74 5.34
N VAL B 127 -11.07 -16.99 5.11
CA VAL B 127 -10.08 -17.35 4.13
C VAL B 127 -10.73 -18.26 3.10
N TYR B 128 -10.61 -17.89 1.82
CA TYR B 128 -11.11 -18.70 0.71
C TYR B 128 -10.07 -18.86 -0.36
N VAL B 129 -10.02 -20.04 -0.98
CA VAL B 129 -9.17 -20.26 -2.15
C VAL B 129 -10.05 -20.28 -3.40
N LEU B 130 -9.60 -19.60 -4.44
N LEU B 130 -9.58 -19.59 -4.43
CA LEU B 130 -10.34 -19.48 -5.68
CA LEU B 130 -10.31 -19.44 -5.69
C LEU B 130 -9.53 -20.14 -6.78
C LEU B 130 -9.53 -20.13 -6.79
N PRO B 131 -10.22 -20.96 -7.60
CA PRO B 131 -9.52 -21.62 -8.70
C PRO B 131 -9.20 -20.64 -9.83
N PRO B 132 -8.43 -21.10 -10.82
CA PRO B 132 -8.15 -20.22 -11.92
C PRO B 132 -9.38 -19.78 -12.68
N PRO B 133 -9.29 -18.60 -13.33
CA PRO B 133 -10.34 -18.28 -14.31
C PRO B 133 -10.43 -19.40 -15.38
N GLU B 134 -11.63 -19.65 -15.80
CA GLU B 134 -11.81 -20.74 -16.79
C GLU B 134 -10.97 -20.47 -18.06
N GLU B 135 -10.70 -19.21 -18.39
CA GLU B 135 -9.89 -18.83 -19.56
C GLU B 135 -8.45 -19.29 -19.53
N GLU B 136 -7.91 -19.50 -18.33
CA GLU B 136 -6.54 -20.01 -18.16
C GLU B 136 -6.44 -21.50 -18.23
N MET B 137 -7.56 -22.21 -18.20
CA MET B 137 -7.48 -23.66 -18.03
C MET B 137 -6.95 -24.39 -19.30
N THR B 138 -6.84 -23.68 -20.42
CA THR B 138 -6.19 -24.21 -21.62
C THR B 138 -4.67 -23.92 -21.67
N LYS B 139 -4.09 -23.36 -20.61
CA LYS B 139 -2.69 -22.95 -20.58
C LYS B 139 -1.91 -23.89 -19.71
N LYS B 140 -0.58 -23.84 -19.83
CA LYS B 140 0.30 -24.70 -19.05
C LYS B 140 0.45 -24.19 -17.60
N GLN B 141 0.35 -22.87 -17.43
CA GLN B 141 0.46 -22.25 -16.09
C GLN B 141 -0.87 -21.57 -15.78
N VAL B 142 -1.30 -21.68 -14.51
CA VAL B 142 -2.59 -21.08 -14.11
C VAL B 142 -2.36 -20.32 -12.81
N THR B 143 -3.37 -19.53 -12.45
CA THR B 143 -3.26 -18.62 -11.29
C THR B 143 -4.26 -19.09 -10.22
N LEU B 144 -3.76 -19.35 -9.02
CA LEU B 144 -4.59 -19.59 -7.85
C LEU B 144 -4.67 -18.32 -7.00
N THR B 145 -5.85 -18.08 -6.46
CA THR B 145 -6.07 -16.84 -5.68
C THR B 145 -6.51 -17.20 -4.26
N CYS B 146 -5.91 -16.59 -3.25
N CYS B 146 -5.82 -16.63 -3.27
CA CYS B 146 -6.37 -16.73 -1.88
CA CYS B 146 -6.24 -16.71 -1.86
C CYS B 146 -6.93 -15.39 -1.42
C CYS B 146 -6.97 -15.35 -1.57
N MET B 147 -8.20 -15.42 -1.07
CA MET B 147 -8.97 -14.22 -0.67
C MET B 147 -9.07 -14.25 0.86
N VAL B 148 -8.52 -13.23 1.50
CA VAL B 148 -8.47 -13.16 2.97
C VAL B 148 -9.20 -11.89 3.37
N LYS B 149 -10.30 -12.01 4.10
CA LYS B 149 -11.17 -10.86 4.29
C LYS B 149 -11.79 -10.80 5.68
N ASP B 150 -12.37 -9.64 5.93
CA ASP B 150 -13.15 -9.39 7.14
C ASP B 150 -12.32 -9.35 8.43
N PHE B 151 -11.02 -9.05 8.31
CA PHE B 151 -10.16 -9.07 9.49
C PHE B 151 -9.87 -7.69 10.06
N MET B 152 -9.54 -7.75 11.35
CA MET B 152 -9.11 -6.55 12.15
C MET B 152 -8.23 -7.10 13.26
N PRO B 153 -7.11 -6.43 13.59
CA PRO B 153 -6.54 -5.32 12.86
C PRO B 153 -5.92 -5.73 11.54
N GLU B 154 -5.34 -4.75 10.86
CA GLU B 154 -4.82 -4.99 9.49
C GLU B 154 -3.54 -5.84 9.44
N ASP B 155 -2.87 -6.00 10.57
CA ASP B 155 -1.60 -6.74 10.66
C ASP B 155 -1.84 -8.23 10.39
N ILE B 156 -1.22 -8.78 9.36
CA ILE B 156 -1.46 -10.15 8.97
C ILE B 156 -0.25 -10.68 8.24
N TYR B 157 -0.12 -11.98 8.19
CA TYR B 157 0.89 -12.67 7.39
C TYR B 157 0.19 -13.74 6.57
N VAL B 158 0.45 -13.78 5.26
CA VAL B 158 -0.18 -14.70 4.37
C VAL B 158 0.88 -15.31 3.43
N GLU B 159 0.81 -16.64 3.27
CA GLU B 159 1.72 -17.34 2.31
C GLU B 159 0.97 -18.52 1.68
N TRP B 160 1.49 -18.95 0.54
CA TRP B 160 1.07 -20.20 -0.05
C TRP B 160 2.15 -21.24 0.26
N THR B 161 1.71 -22.47 0.47
CA THR B 161 2.60 -23.62 0.71
C THR B 161 2.24 -24.72 -0.27
N ASN B 162 3.27 -25.55 -0.55
CA ASN B 162 3.19 -26.71 -1.45
C ASN B 162 3.68 -27.93 -0.67
N ASN B 163 2.79 -28.90 -0.44
CA ASN B 163 3.01 -30.01 0.51
C ASN B 163 3.70 -29.57 1.81
N GLY B 164 3.27 -28.43 2.37
CA GLY B 164 3.86 -27.87 3.59
C GLY B 164 5.11 -26.99 3.42
N LYS B 165 5.79 -27.06 2.29
CA LYS B 165 6.97 -26.23 2.02
C LYS B 165 6.52 -24.83 1.57
N THR B 166 7.06 -23.77 2.17
CA THR B 166 6.69 -22.41 1.78
C THR B 166 7.03 -22.19 0.31
N GLU B 167 6.05 -21.68 -0.43
CA GLU B 167 6.15 -21.61 -1.87
C GLU B 167 7.00 -20.40 -2.32
N LEU B 168 7.59 -20.54 -3.50
CA LEU B 168 8.31 -19.46 -4.14
C LEU B 168 7.36 -18.47 -4.81
N ASN B 169 6.57 -18.86 -5.82
CA ASN B 169 6.06 -17.83 -6.78
C ASN B 169 4.64 -17.30 -6.51
N TYR B 170 4.54 -16.69 -5.32
CA TYR B 170 3.32 -15.97 -4.94
C TYR B 170 3.65 -14.51 -4.64
N LYS B 171 2.60 -13.70 -4.73
CA LYS B 171 2.72 -12.27 -4.42
C LYS B 171 1.42 -11.83 -3.76
N ASN B 172 1.59 -11.03 -2.71
CA ASN B 172 0.43 -10.57 -1.90
C ASN B 172 0.12 -9.11 -2.22
N THR B 173 -1.15 -8.77 -2.18
CA THR B 173 -1.53 -7.35 -2.09
C THR B 173 -1.35 -6.90 -0.62
N GLU B 174 -1.29 -5.59 -0.44
CA GLU B 174 -1.41 -5.04 0.88
C GLU B 174 -2.88 -5.03 1.31
N PRO B 175 -3.14 -4.94 2.62
CA PRO B 175 -4.52 -4.86 3.10
C PRO B 175 -5.22 -3.59 2.66
N VAL B 176 -6.52 -3.73 2.40
CA VAL B 176 -7.37 -2.65 2.00
C VAL B 176 -8.50 -2.51 2.99
N LEU B 177 -8.80 -1.26 3.39
CA LEU B 177 -9.90 -0.98 4.28
C LEU B 177 -11.26 -1.16 3.53
N ASP B 178 -12.10 -2.03 4.03
CA ASP B 178 -13.36 -2.43 3.43
C ASP B 178 -14.45 -1.48 4.01
N SER B 179 -15.65 -1.65 3.48
CA SER B 179 -16.78 -0.76 3.79
C SER B 179 -17.25 -0.85 5.24
N ASP B 180 -17.00 -1.97 5.90
CA ASP B 180 -17.37 -2.11 7.31
C ASP B 180 -16.24 -1.85 8.34
N GLY B 181 -15.12 -1.29 7.89
CA GLY B 181 -14.00 -1.01 8.78
C GLY B 181 -13.04 -2.19 8.95
N SER B 182 -13.37 -3.34 8.36
CA SER B 182 -12.47 -4.48 8.36
C SER B 182 -11.55 -4.34 7.14
N TYR B 183 -10.61 -5.26 7.07
CA TYR B 183 -9.61 -5.26 6.00
C TYR B 183 -9.72 -6.55 5.15
N PHE B 184 -9.19 -6.45 3.92
CA PHE B 184 -9.02 -7.64 3.09
C PHE B 184 -7.74 -7.52 2.28
N MET B 185 -7.31 -8.66 1.76
CA MET B 185 -6.20 -8.72 0.83
C MET B 185 -6.39 -9.97 -0.04
N TYR B 186 -5.58 -10.01 -1.10
CA TYR B 186 -5.52 -11.20 -1.95
C TYR B 186 -4.04 -11.66 -2.06
N SER B 187 -3.85 -12.98 -2.22
CA SER B 187 -2.53 -13.52 -2.56
C SER B 187 -2.66 -14.34 -3.84
N LYS B 188 -1.75 -14.07 -4.79
CA LYS B 188 -1.81 -14.68 -6.12
C LYS B 188 -0.60 -15.64 -6.29
N LEU B 189 -0.93 -16.87 -6.69
CA LEU B 189 0.13 -17.87 -6.87
C LEU B 189 0.03 -18.47 -8.29
N ARG B 190 1.17 -18.48 -8.99
CA ARG B 190 1.31 -19.10 -10.33
C ARG B 190 1.79 -20.54 -10.14
N VAL B 191 1.06 -21.49 -10.72
CA VAL B 191 1.36 -22.95 -10.63
C VAL B 191 1.29 -23.59 -12.02
N GLU B 192 1.93 -24.75 -12.13
CA GLU B 192 1.77 -25.57 -13.32
C GLU B 192 0.40 -26.26 -13.23
N LYS B 193 -0.39 -26.08 -14.27
CA LYS B 193 -1.72 -26.57 -14.30
C LYS B 193 -1.84 -28.07 -14.07
N LYS B 194 -0.99 -28.80 -14.79
CA LYS B 194 -0.95 -30.27 -14.69
C LYS B 194 -0.76 -30.71 -13.26
N ASN B 195 0.21 -30.07 -12.60
CA ASN B 195 0.53 -30.35 -11.22
C ASN B 195 -0.62 -30.04 -10.25
N TRP B 196 -1.33 -28.94 -10.48
CA TRP B 196 -2.45 -28.57 -9.61
C TRP B 196 -3.65 -29.52 -9.75
N VAL B 197 -4.02 -29.83 -11.00
CA VAL B 197 -5.15 -30.73 -11.26
C VAL B 197 -4.87 -32.15 -10.78
N GLU B 198 -3.61 -32.63 -10.91
CA GLU B 198 -3.21 -33.95 -10.47
C GLU B 198 -3.06 -34.04 -8.95
N ARG B 199 -2.22 -33.19 -8.36
CA ARG B 199 -1.80 -33.35 -6.94
C ARG B 199 -2.52 -32.46 -5.90
N ASN B 200 -3.10 -31.32 -6.32
CA ASN B 200 -3.79 -30.40 -5.37
C ASN B 200 -2.96 -30.14 -4.08
N SER B 201 -1.67 -29.87 -4.29
CA SER B 201 -0.74 -29.76 -3.20
C SER B 201 -0.63 -28.34 -2.62
N TYR B 202 -1.40 -27.37 -3.15
CA TYR B 202 -1.23 -25.93 -2.79
C TYR B 202 -2.31 -25.47 -1.81
N SER B 203 -1.84 -24.83 -0.73
CA SER B 203 -2.72 -24.32 0.29
C SER B 203 -2.25 -22.91 0.68
N CYS B 204 -3.22 -22.14 1.12
N CYS B 204 -3.19 -22.09 1.11
CA CYS B 204 -2.98 -20.78 1.60
CA CYS B 204 -2.80 -20.78 1.58
C CYS B 204 -2.92 -20.85 3.13
C CYS B 204 -3.01 -20.66 3.10
N SER B 205 -1.92 -20.21 3.71
CA SER B 205 -1.70 -20.22 5.16
C SER B 205 -1.74 -18.78 5.63
N VAL B 206 -2.49 -18.55 6.70
CA VAL B 206 -2.76 -17.19 7.20
C VAL B 206 -2.43 -17.16 8.70
N VAL B 207 -1.68 -16.15 9.11
CA VAL B 207 -1.34 -15.90 10.51
C VAL B 207 -1.95 -14.56 10.91
N HIS B 208 -2.84 -14.60 11.91
CA HIS B 208 -3.55 -13.44 12.39
C HIS B 208 -3.99 -13.66 13.85
N GLU B 209 -4.07 -12.58 14.61
N GLU B 209 -4.06 -12.56 14.60
CA GLU B 209 -4.36 -12.68 16.03
CA GLU B 209 -4.41 -12.55 16.01
C GLU B 209 -5.78 -13.13 16.39
C GLU B 209 -5.72 -13.27 16.32
N GLY B 210 -6.71 -13.06 15.44
CA GLY B 210 -8.06 -13.58 15.67
C GLY B 210 -8.25 -15.04 15.46
N LEU B 211 -7.29 -15.71 14.89
CA LEU B 211 -7.41 -17.16 14.59
C LEU B 211 -7.04 -18.00 15.77
N HIS B 212 -7.68 -19.16 15.86
CA HIS B 212 -7.23 -20.16 16.82
C HIS B 212 -5.77 -20.56 16.55
N ASN B 213 -4.93 -20.56 17.59
CA ASN B 213 -3.50 -20.79 17.47
C ASN B 213 -2.82 -19.78 16.52
N HIS B 214 -3.50 -18.68 16.32
CA HIS B 214 -3.04 -17.60 15.42
C HIS B 214 -2.75 -18.05 13.99
N HIS B 215 -3.34 -19.15 13.54
CA HIS B 215 -3.01 -19.71 12.21
C HIS B 215 -4.17 -20.55 11.65
N THR B 216 -4.36 -20.46 10.35
CA THR B 216 -5.24 -21.39 9.67
C THR B 216 -4.69 -21.65 8.29
N THR B 217 -5.08 -22.78 7.70
CA THR B 217 -4.68 -23.07 6.35
C THR B 217 -5.93 -23.44 5.57
N LYS B 218 -5.97 -23.05 4.32
CA LYS B 218 -7.10 -23.36 3.47
C LYS B 218 -6.62 -24.02 2.18
N SER B 219 -7.31 -25.13 1.85
CA SER B 219 -7.04 -25.97 0.69
C SER B 219 -8.28 -26.05 -0.20
N PHE B 220 -8.07 -26.53 -1.42
CA PHE B 220 -9.17 -26.80 -2.35
C PHE B 220 -9.81 -28.16 -2.01
N SER B 221 -11.13 -28.24 -2.12
CA SER B 221 -11.88 -29.46 -1.72
C SER B 221 -12.00 -30.47 -2.86
C1 NAG C . 1.13 21.80 8.74
C2 NAG C . 2.47 21.12 8.49
C3 NAG C . 2.54 20.65 7.03
C4 NAG C . 1.35 19.76 6.74
C5 NAG C . 0.04 20.44 7.15
C6 NAG C . -1.12 19.50 6.97
C7 NAG C . 4.32 22.08 9.79
C8 NAG C . 5.40 23.13 9.82
N2 NAG C . 3.54 22.07 8.70
O3 NAG C . 3.80 20.01 6.76
O4 NAG C . 1.22 19.55 5.31
O5 NAG C . 0.07 20.90 8.50
O6 NAG C . -0.80 18.29 7.66
O7 NAG C . 4.18 21.29 10.69
C1 NAG C . 1.75 18.30 4.83
C2 NAG C . 1.11 17.98 3.50
C3 NAG C . 1.70 16.69 2.92
C4 NAG C . 3.21 16.75 2.96
C5 NAG C . 3.82 17.26 4.27
C6 NAG C . 5.27 17.67 4.10
C7 NAG C . -1.22 18.70 3.11
C8 NAG C . -2.65 18.32 3.36
N2 NAG C . -0.32 17.84 3.62
O3 NAG C . 1.27 16.60 1.55
O4 NAG C . 3.75 15.46 2.73
O5 NAG C . 3.16 18.46 4.65
O6 NAG C . 5.78 17.86 5.43
O7 NAG C . -0.94 19.71 2.51
C1 BMA C . 3.95 15.15 1.33
C2 BMA C . 5.20 14.28 1.18
C3 BMA C . 5.28 13.58 -0.16
C4 BMA C . 3.93 12.98 -0.55
C5 BMA C . 2.78 13.94 -0.37
C6 BMA C . 1.47 13.21 -0.55
O2 BMA C . 5.16 13.24 2.17
O3 BMA C . 6.25 12.52 -0.06
O4 BMA C . 3.97 12.65 -1.93
O5 BMA C . 2.76 14.49 0.96
O6 BMA C . 0.48 14.24 -0.53
C1 MAN C . -0.79 13.76 -0.95
C2 MAN C . -1.71 14.96 -1.01
C3 MAN C . -2.06 15.47 0.40
C4 MAN C . -2.65 14.35 1.24
C5 MAN C . -1.71 13.17 1.24
C6 MAN C . -2.38 11.99 1.93
O2 MAN C . -2.96 14.60 -1.62
O3 MAN C . -3.04 16.51 0.34
O4 MAN C . -2.84 14.78 2.59
O5 MAN C . -1.36 12.76 -0.09
O6 MAN C . -1.57 10.87 1.64
C1 NAG C . -2.95 14.67 -3.05
C2 NAG C . -4.10 13.81 -3.52
C3 NAG C . -4.23 13.92 -5.04
C4 NAG C . -4.21 15.37 -5.52
C5 NAG C . -3.07 16.15 -4.89
C6 NAG C . -3.04 17.65 -5.19
C7 NAG C . -4.48 11.78 -2.17
C8 NAG C . -4.09 10.35 -1.97
N2 NAG C . -3.86 12.42 -3.17
O3 NAG C . -5.47 13.34 -5.43
O4 NAG C . -4.00 15.31 -6.94
O5 NAG C . -3.13 16.03 -3.48
O6 NAG C . -4.34 18.25 -5.01
O7 NAG C . -5.31 12.32 -1.47
C1 GAL C . -4.89 16.13 -7.69
C2 GAL C . -4.57 15.98 -9.20
C3 GAL C . -5.69 16.59 -10.06
C4 GAL C . -7.09 16.25 -9.62
C5 GAL C . -7.25 16.50 -8.13
C6 GAL C . -8.62 16.07 -7.59
O2 GAL C . -3.27 16.56 -9.65
O3 GAL C . -5.57 16.17 -11.39
O4 GAL C . -7.32 14.86 -9.87
O5 GAL C . -6.25 15.76 -7.42
O6 GAL C . -8.68 16.48 -6.21
C1 MAN C . 7.46 12.89 -0.77
C2 MAN C . 8.39 11.69 -0.94
C3 MAN C . 8.93 11.25 0.41
C4 MAN C . 9.63 12.41 1.11
C5 MAN C . 8.79 13.69 1.11
C6 MAN C . 9.63 14.92 1.50
O2 MAN C . 9.50 12.08 -1.76
O3 MAN C . 9.85 10.15 0.24
O4 MAN C . 9.92 12.00 2.46
O5 MAN C . 8.22 13.96 -0.19
O6 MAN C . 8.80 15.89 2.16
C1 NAG C . 9.25 12.00 -3.18
C2 NAG C . 10.28 12.89 -3.89
C3 NAG C . 10.41 12.65 -5.39
C4 NAG C . 10.07 11.25 -5.89
C5 NAG C . 9.04 10.51 -5.02
C6 NAG C . 9.04 9.01 -5.36
C7 NAG C . 10.34 14.99 -2.58
C8 NAG C . 9.88 16.42 -2.52
N2 NAG C . 9.95 14.30 -3.65
O3 NAG C . 11.75 12.96 -5.77
O4 NAG C . 9.51 11.38 -7.20
O5 NAG C . 9.32 10.66 -3.64
O6 NAG C . 7.89 8.40 -4.78
O7 NAG C . 11.03 14.52 -1.70
C1 FUC C . -1.73 17.23 7.35
C2 FUC C . -1.35 16.03 8.21
C3 FUC C . -1.65 16.30 9.68
C4 FUC C . -3.11 16.71 9.84
C5 FUC C . -3.46 17.88 8.93
C6 FUC C . -4.95 18.20 9.01
O2 FUC C . 0.06 15.76 8.06
O3 FUC C . -1.37 15.15 10.48
O4 FUC C . -3.95 15.57 9.57
O5 FUC C . -3.11 17.58 7.56
C1 NAG D . 21.96 10.82 6.61
C2 NAG D . 20.82 11.70 7.05
C3 NAG D . 19.78 10.83 7.77
C4 NAG D . 19.40 9.62 6.94
C5 NAG D . 20.60 8.86 6.44
C6 NAG D . 20.28 7.69 5.52
C7 NAG D . 21.35 14.06 7.53
C8 NAG D . 21.75 15.04 8.59
N2 NAG D . 21.22 12.78 7.93
O3 NAG D . 18.58 11.61 7.97
O4 NAG D . 18.63 8.67 7.77
O5 NAG D . 21.51 9.80 5.74
O6 NAG D . 19.47 8.23 4.44
O7 NAG D . 21.13 14.36 6.37
C1 NAG D . 17.23 8.70 7.56
C2 NAG D . 16.66 7.34 8.01
C3 NAG D . 15.14 7.39 7.96
C4 NAG D . 14.61 8.58 8.68
C5 NAG D . 15.32 9.88 8.23
C6 NAG D . 14.89 11.05 9.08
C7 NAG D . 17.99 5.28 7.69
C8 NAG D . 18.38 4.20 6.73
N2 NAG D . 17.14 6.22 7.20
O3 NAG D . 14.72 6.13 8.52
O4 NAG D . 13.21 8.77 8.36
O5 NAG D . 16.73 9.72 8.37
O6 NAG D . 15.51 12.23 8.53
O7 NAG D . 18.48 5.36 8.83
C1 BMA D . 12.28 8.06 9.17
C2 BMA D . 10.99 8.89 9.25
C3 BMA D . 9.89 8.09 9.94
C4 BMA D . 9.72 6.73 9.30
C5 BMA D . 11.07 6.02 9.23
C6 BMA D . 11.02 4.75 8.45
O2 BMA D . 10.64 9.24 7.90
O3 BMA D . 8.70 8.85 9.79
O4 BMA D . 8.79 5.94 10.04
O5 BMA D . 12.07 6.82 8.58
O6 BMA D . 12.26 4.07 8.48
C1 MAN D . 12.18 2.74 8.03
C2 MAN D . 13.48 2.01 8.30
C3 MAN D . 14.57 2.57 7.40
C4 MAN D . 14.14 2.48 5.95
C5 MAN D . 12.84 3.22 5.79
C6 MAN D . 12.37 3.09 4.32
O2 MAN D . 13.40 0.64 8.03
O3 MAN D . 15.81 1.90 7.60
O4 MAN D . 15.20 3.11 5.19
O5 MAN D . 11.80 2.73 6.64
O6 MAN D . 11.15 3.83 4.22
C1 NAG D . 12.80 -0.15 9.04
C2 NAG D . 12.33 -1.44 8.37
C3 NAG D . 11.82 -2.41 9.42
C4 NAG D . 12.81 -2.55 10.56
C5 NAG D . 13.24 -1.20 11.08
C6 NAG D . 14.31 -1.20 12.16
C7 NAG D . 11.53 -1.00 6.09
C8 NAG D . 10.36 -0.57 5.26
N2 NAG D . 11.30 -1.10 7.41
O3 NAG D . 11.61 -3.71 8.82
O4 NAG D . 12.08 -3.20 11.64
O5 NAG D . 13.79 -0.43 9.98
O6 NAG D . 15.43 -1.90 11.69
O7 NAG D . 12.63 -1.24 5.61
C1 GAL D . 12.79 -4.30 12.24
C2 GAL D . 11.87 -4.86 13.35
C3 GAL D . 12.45 -6.17 13.83
C4 GAL D . 12.91 -7.13 12.73
C5 GAL D . 13.82 -6.40 11.75
C6 GAL D . 14.16 -7.25 10.53
O2 GAL D . 11.63 -4.02 14.55
O3 GAL D . 11.40 -6.79 14.57
O4 GAL D . 11.73 -7.60 12.05
O5 GAL D . 13.12 -5.28 11.23
O6 GAL D . 15.06 -6.49 9.71
C1 MAN D . 8.23 9.53 10.95
C2 MAN D . 6.80 9.99 10.59
C3 MAN D . 6.85 11.17 9.63
C4 MAN D . 7.65 12.29 10.27
C5 MAN D . 9.08 11.77 10.52
C6 MAN D . 10.00 12.77 11.17
O2 MAN D . 6.16 10.51 11.73
O3 MAN D . 5.53 11.62 9.30
O4 MAN D . 7.60 13.38 9.33
O5 MAN D . 8.99 10.64 11.41
O6 MAN D . 11.37 12.36 10.95
C1 NAG D . 5.47 9.53 12.52
C2 NAG D . 5.50 9.99 13.96
C3 NAG D . 4.68 9.11 14.88
C4 NAG D . 3.33 8.70 14.28
C5 NAG D . 3.41 8.38 12.80
C6 NAG D . 2.04 8.22 12.16
C7 NAG D . 7.64 11.10 14.49
C8 NAG D . 9.05 10.90 14.96
N2 NAG D . 6.89 10.00 14.40
O3 NAG D . 4.47 9.84 16.10
O4 NAG D . 2.84 7.52 14.93
O5 NAG D . 4.10 9.42 12.11
O6 NAG D . 2.17 8.12 10.73
O7 NAG D . 7.22 12.21 14.20
C1 FUC D . 18.91 7.18 3.64
C2 FUC D . 17.94 7.84 2.68
C3 FUC D . 18.75 8.67 1.70
C4 FUC D . 19.82 7.83 1.03
C5 FUC D . 20.70 7.14 2.06
C6 FUC D . 21.70 6.12 1.51
O2 FUC D . 17.02 8.67 3.37
O3 FUC D . 17.81 9.09 0.72
O4 FUC D . 19.12 6.85 0.22
O5 FUC D . 19.88 6.41 2.98
C1 GOL E . -5.51 1.05 -8.28
O1 GOL E . -5.49 -0.40 -8.31
C2 GOL E . -6.86 1.76 -8.37
O2 GOL E . -7.66 1.46 -7.22
C3 GOL E . -7.68 1.47 -9.65
O3 GOL E . -8.85 2.34 -9.74
O1 MES F . 2.42 10.42 -7.92
C2 MES F . 3.45 10.82 -8.84
C3 MES F . 4.66 11.46 -8.17
N4 MES F . 4.23 12.42 -7.13
C5 MES F . 3.34 11.74 -6.15
C6 MES F . 2.07 11.33 -6.87
C7 MES F . 5.44 12.97 -6.50
C8 MES F . 5.00 13.84 -5.33
S MES F . 6.22 14.79 -4.76
O1S MES F . 6.24 14.48 -3.32
O2S MES F . 7.52 14.47 -5.39
O3S MES F . 5.98 16.22 -5.02
C1 GOL G . 0.77 -10.41 4.34
O1 GOL G . 1.89 -11.33 4.27
C2 GOL G . 1.15 -9.07 3.75
O2 GOL G . 1.58 -9.30 2.40
C3 GOL G . 0.05 -8.00 3.78
O3 GOL G . -1.21 -8.33 3.10
C1 GOL H . 13.05 -8.40 27.22
O1 GOL H . 13.90 -9.53 26.89
C2 GOL H . 11.61 -8.87 27.29
O2 GOL H . 11.35 -9.29 28.64
C3 GOL H . 10.59 -7.81 26.89
O3 GOL H . 9.27 -8.34 26.55
O1 MES I . 5.53 1.11 12.43
C2 MES I . 6.11 1.86 11.35
C3 MES I . 6.91 3.03 11.89
N4 MES I . 6.01 3.79 12.81
C5 MES I . 5.71 2.96 13.99
C6 MES I . 4.85 1.80 13.49
C7 MES I . 6.55 5.11 13.21
C8 MES I . 7.97 5.01 13.69
S MES I . 8.49 6.48 14.20
O1S MES I . 8.89 7.19 12.98
O2S MES I . 7.47 7.29 14.90
O3S MES I . 9.61 6.29 15.18
#